data_4B18
#
_entry.id   4B18
#
_cell.length_a   159.723
_cell.length_b   59.916
_cell.length_c   69.331
_cell.angle_alpha   90.00
_cell.angle_beta   96.29
_cell.angle_gamma   90.00
#
_symmetry.space_group_name_H-M   'C 1 2 1'
#
loop_
_entity.id
_entity.type
_entity.pdbx_description
1 polymer 'IMPORTIN SUBUNIT ALPHA-1'
2 polymer 'TELOMERASE REVERSE TRANSCRIPTASE'
3 water water
#
loop_
_entity_poly.entity_id
_entity_poly.type
_entity_poly.pdbx_seq_one_letter_code
_entity_poly.pdbx_strand_id
1 'polypeptide(L)'
;GFHEAQISNMEMAPGGVITSDMIEMIFSKSPEQQLSATQKFRKLLSKEPNPPIDEVISTPGVVARFVEFLKRKENCTLQF
ESAWVLTNIASGNSLQTRIVIQAGAVPIFIELLSSEFEDVQEQAVWALGNIAGDSTMCRDYVLDCNILPPLLQLFSKQNR
LTMTRNAVWALSNLCRGKSPPPEFAKVSPCLNVLSWLLFVSDTDVLADACWALSYLSDGPNDKIQAVIDAGVCRRLVELL
MHNDYKVVSPALRAVGNIVTGDDIQTQVILNCSALQSLLHLLSSPKESIKKEACWTISNITAGNRAQIQTVIDANIFPAL
ISILQTAEFRTRKEAAWAITNATSGGSAEQIKYLVELGCIKPLCDLLTVMDSKIVQVALNGLENILRLGEQEAKRNGTGI
NPYCALIEEAYGLDKIEFLQSHENQEIYQKAFDLIEHYFGTEDEDSS
;
A
2 'polypeptide(L)' RRRGGSASRSLPLPKRPRRA B
#
# COMPACT_ATOMS: atom_id res chain seq x y z
N PRO A 14 21.33 -11.76 -36.51
CA PRO A 14 21.26 -12.23 -35.11
C PRO A 14 22.33 -13.30 -34.73
N GLY A 15 23.38 -12.97 -33.94
CA GLY A 15 23.73 -11.63 -33.42
C GLY A 15 24.26 -10.64 -34.47
N GLY A 16 24.15 -9.35 -34.16
CA GLY A 16 24.13 -8.30 -35.18
C GLY A 16 22.75 -7.63 -35.42
N VAL A 17 21.79 -7.84 -34.50
CA VAL A 17 20.49 -7.11 -34.33
C VAL A 17 20.71 -5.74 -33.55
N ILE A 18 21.96 -5.54 -33.19
CA ILE A 18 22.52 -4.26 -32.82
C ILE A 18 23.76 -4.11 -33.73
N THR A 19 23.97 -2.93 -34.26
CA THR A 19 24.89 -2.67 -35.35
C THR A 19 26.30 -3.09 -35.01
N SER A 20 26.98 -3.61 -35.99
CA SER A 20 28.41 -3.74 -35.88
C SER A 20 28.96 -2.32 -35.77
N ASP A 21 28.34 -1.40 -36.48
CA ASP A 21 28.77 0.01 -36.52
C ASP A 21 28.47 0.74 -35.20
N MET A 22 27.41 0.31 -34.51
CA MET A 22 27.08 0.85 -33.20
C MET A 22 28.19 0.60 -32.20
N ILE A 23 28.74 -0.62 -32.17
CA ILE A 23 29.91 -0.92 -31.31
C ILE A 23 31.08 -0.02 -31.73
N GLU A 24 31.35 0.01 -33.03
CA GLU A 24 32.42 0.86 -33.57
C GLU A 24 32.29 2.34 -33.17
N MET A 25 31.06 2.86 -33.21
CA MET A 25 30.87 4.28 -32.90
C MET A 25 30.92 4.56 -31.41
N ILE A 26 30.24 3.70 -30.66
CA ILE A 26 30.24 3.76 -29.22
C ILE A 26 31.69 3.82 -28.73
N PHE A 27 32.53 2.98 -29.30
CA PHE A 27 33.91 2.96 -28.85
C PHE A 27 34.86 3.95 -29.52
N SER A 28 34.36 4.81 -30.42
CA SER A 28 35.29 5.72 -31.07
C SER A 28 35.74 6.91 -30.22
N LYS A 29 36.72 7.62 -30.79
CA LYS A 29 37.31 8.88 -30.32
C LYS A 29 36.29 10.01 -30.42
N SER A 30 35.51 10.01 -31.49
CA SER A 30 34.59 11.13 -31.83
C SER A 30 33.32 11.29 -30.96
N PRO A 31 33.14 12.49 -30.38
CA PRO A 31 31.92 12.70 -29.59
C PRO A 31 30.64 12.52 -30.42
N GLU A 32 30.65 12.94 -31.69
CA GLU A 32 29.45 12.89 -32.55
C GLU A 32 29.00 11.44 -32.79
N GLN A 33 29.96 10.59 -33.11
CA GLN A 33 29.68 9.19 -33.33
C GLN A 33 29.27 8.52 -32.04
N GLN A 34 29.90 8.89 -30.92
CA GLN A 34 29.54 8.31 -29.61
C GLN A 34 28.03 8.55 -29.33
N LEU A 35 27.61 9.77 -29.56
CA LEU A 35 26.24 10.17 -29.35
C LEU A 35 25.29 9.51 -30.36
N SER A 36 25.72 9.44 -31.60
CA SER A 36 24.88 8.89 -32.64
C SER A 36 24.52 7.44 -32.28
N ALA A 37 25.54 6.65 -31.97
CA ALA A 37 25.33 5.29 -31.51
C ALA A 37 24.47 5.24 -30.25
N THR A 38 24.74 6.13 -29.31
CA THR A 38 23.99 6.14 -28.08
C THR A 38 22.53 6.35 -28.36
N GLN A 39 22.24 7.17 -29.37
CA GLN A 39 20.87 7.44 -29.68
C GLN A 39 20.17 6.19 -30.26
N LYS A 40 20.88 5.48 -31.15
CA LYS A 40 20.36 4.24 -31.67
C LYS A 40 20.03 3.31 -30.50
N PHE A 41 21.03 3.05 -29.66
CA PHE A 41 20.75 2.29 -28.44
C PHE A 41 19.51 2.78 -27.70
N ARG A 42 19.40 4.08 -27.53
CA ARG A 42 18.35 4.62 -26.70
C ARG A 42 16.99 4.37 -27.34
N LYS A 43 16.90 4.57 -28.64
CA LYS A 43 15.62 4.33 -29.30
C LYS A 43 15.28 2.81 -29.28
N LEU A 44 16.27 1.94 -29.55
CA LEU A 44 15.98 0.51 -29.49
C LEU A 44 15.51 0.06 -28.10
N LEU A 45 15.98 0.72 -27.05
CA LEU A 45 15.56 0.36 -25.72
C LEU A 45 14.25 1.05 -25.33
N SER A 46 13.79 1.99 -26.15
CA SER A 46 12.49 2.65 -25.98
C SER A 46 11.33 1.80 -26.52
N LYS A 47 11.67 0.79 -27.33
CA LYS A 47 10.70 -0.15 -27.96
C LYS A 47 9.76 -0.78 -26.95
N GLU A 48 8.46 -0.62 -27.21
CA GLU A 48 7.42 -1.07 -26.28
C GLU A 48 7.39 -2.59 -26.03
N PRO A 49 7.33 -3.42 -27.12
CA PRO A 49 7.05 -4.88 -26.88
C PRO A 49 8.15 -5.52 -26.06
N ASN A 50 9.32 -5.70 -26.68
CA ASN A 50 10.49 -6.18 -25.95
C ASN A 50 11.78 -5.49 -26.43
N PRO A 51 12.31 -4.58 -25.57
CA PRO A 51 13.57 -3.95 -25.88
C PRO A 51 14.75 -4.93 -25.69
N PRO A 52 15.79 -4.76 -26.50
CA PRO A 52 16.94 -5.66 -26.52
C PRO A 52 17.84 -5.60 -25.26
N ILE A 53 17.28 -5.87 -24.08
CA ILE A 53 18.04 -5.56 -22.89
C ILE A 53 19.22 -6.54 -22.93
N ASP A 54 18.86 -7.82 -23.07
CA ASP A 54 19.80 -8.93 -23.05
C ASP A 54 20.90 -8.85 -24.07
N GLU A 55 20.58 -8.49 -25.32
CA GLU A 55 21.63 -8.26 -26.32
C GLU A 55 22.60 -7.17 -25.94
N VAL A 56 22.09 -6.03 -25.48
CA VAL A 56 22.96 -4.94 -25.04
C VAL A 56 23.88 -5.42 -23.89
N ILE A 57 23.29 -5.96 -22.83
CA ILE A 57 24.07 -6.50 -21.76
C ILE A 57 25.10 -7.55 -22.20
N SER A 58 24.93 -8.15 -23.36
CA SER A 58 25.77 -9.29 -23.73
C SER A 58 27.02 -8.93 -24.56
N THR A 59 27.15 -7.65 -24.99
CA THR A 59 28.42 -7.19 -25.60
C THR A 59 29.35 -6.56 -24.57
N PRO A 60 30.50 -7.21 -24.33
CA PRO A 60 30.89 -7.01 -22.95
C PRO A 60 31.48 -5.69 -22.47
N GLY A 61 31.90 -4.78 -23.33
CA GLY A 61 32.19 -3.52 -22.61
C GLY A 61 31.19 -2.37 -22.69
N VAL A 62 29.99 -2.68 -23.21
CA VAL A 62 29.05 -1.66 -23.70
C VAL A 62 28.29 -0.87 -22.62
N VAL A 63 27.78 -1.57 -21.61
CA VAL A 63 27.30 -0.92 -20.41
C VAL A 63 28.34 0.04 -19.78
N ALA A 64 29.50 -0.50 -19.39
CA ALA A 64 30.59 0.33 -18.85
C ALA A 64 30.85 1.61 -19.66
N ARG A 65 30.74 1.52 -20.97
CA ARG A 65 30.95 2.69 -21.83
C ARG A 65 29.89 3.77 -21.50
N PHE A 66 28.63 3.39 -21.52
CA PHE A 66 27.57 4.29 -21.16
C PHE A 66 27.89 4.86 -19.80
N VAL A 67 28.22 4.03 -18.80
CA VAL A 67 28.53 4.56 -17.46
C VAL A 67 29.63 5.63 -17.49
N GLU A 68 30.66 5.42 -18.32
CA GLU A 68 31.69 6.44 -18.53
C GLU A 68 31.13 7.67 -19.24
N PHE A 69 30.23 7.50 -20.18
CA PHE A 69 29.63 8.67 -20.81
C PHE A 69 28.86 9.57 -19.81
N LEU A 70 28.44 9.03 -18.65
CA LEU A 70 27.76 9.85 -17.65
C LEU A 70 28.70 10.88 -17.11
N LYS A 71 30.01 10.62 -17.19
CA LYS A 71 31.01 11.48 -16.58
C LYS A 71 31.32 12.71 -17.45
N ARG A 72 30.68 12.84 -18.61
CA ARG A 72 31.10 13.86 -19.55
C ARG A 72 30.41 15.17 -19.31
N LYS A 73 30.80 15.83 -18.20
CA LYS A 73 30.21 17.11 -17.76
C LYS A 73 30.10 18.19 -18.84
N GLU A 74 30.89 18.12 -19.91
CA GLU A 74 30.75 19.12 -21.01
C GLU A 74 29.67 18.78 -22.01
N ASN A 75 29.06 17.62 -21.84
CA ASN A 75 28.08 17.18 -22.80
C ASN A 75 26.73 16.82 -22.17
N CYS A 76 25.75 17.73 -22.32
CA CYS A 76 24.39 17.54 -21.82
C CYS A 76 23.75 16.38 -22.57
N THR A 77 23.73 16.44 -23.90
CA THR A 77 23.00 15.45 -24.69
C THR A 77 23.49 14.01 -24.34
N LEU A 78 24.78 13.78 -24.52
CA LEU A 78 25.39 12.48 -24.28
C LEU A 78 25.15 11.98 -22.85
N GLN A 79 25.29 12.86 -21.86
CA GLN A 79 25.01 12.45 -20.47
C GLN A 79 23.56 11.93 -20.36
N PHE A 80 22.64 12.66 -20.99
CA PHE A 80 21.21 12.42 -20.94
C PHE A 80 20.78 11.13 -21.62
N GLU A 81 21.17 10.96 -22.87
CA GLU A 81 20.85 9.78 -23.65
C GLU A 81 21.39 8.58 -22.92
N SER A 82 22.59 8.70 -22.38
CA SER A 82 23.21 7.60 -21.66
C SER A 82 22.43 7.24 -20.42
N ALA A 83 22.01 8.26 -19.66
CA ALA A 83 21.23 7.99 -18.48
C ALA A 83 19.91 7.32 -18.91
N TRP A 84 19.37 7.74 -20.04
CA TRP A 84 18.15 7.13 -20.53
C TRP A 84 18.33 5.63 -20.84
N VAL A 85 19.42 5.30 -21.54
CA VAL A 85 19.77 3.93 -21.88
C VAL A 85 19.87 3.12 -20.60
N LEU A 86 20.57 3.64 -19.64
CA LEU A 86 20.79 2.88 -18.43
C LEU A 86 19.52 2.80 -17.63
N THR A 87 18.64 3.76 -17.88
CA THR A 87 17.40 3.78 -17.14
C THR A 87 16.62 2.53 -17.60
N ASN A 88 16.64 2.32 -18.91
CA ASN A 88 15.88 1.23 -19.45
C ASN A 88 16.44 -0.15 -19.15
N ILE A 89 17.74 -0.38 -19.37
CA ILE A 89 18.39 -1.60 -18.87
C ILE A 89 18.02 -1.78 -17.40
N ALA A 90 18.07 -0.72 -16.63
CA ALA A 90 17.68 -0.88 -15.22
C ALA A 90 16.15 -1.12 -15.00
N SER A 91 15.34 -1.11 -16.08
CA SER A 91 13.93 -1.56 -15.99
C SER A 91 13.74 -3.08 -16.19
N GLY A 92 12.58 -3.59 -15.78
CA GLY A 92 12.55 -5.06 -15.67
C GLY A 92 13.80 -5.60 -14.93
N ASN A 93 14.35 -6.74 -15.35
CA ASN A 93 14.69 -7.75 -14.30
C ASN A 93 15.98 -7.55 -13.55
N SER A 94 16.06 -8.28 -12.46
CA SER A 94 17.12 -8.23 -11.56
C SER A 94 18.51 -8.52 -12.06
N LEU A 95 18.58 -9.41 -13.04
CA LEU A 95 19.88 -9.85 -13.53
C LEU A 95 20.45 -8.77 -14.45
N GLN A 96 19.57 -8.16 -15.24
CA GLN A 96 19.98 -7.07 -16.11
C GLN A 96 20.25 -5.80 -15.29
N THR A 97 19.65 -5.69 -14.12
CA THR A 97 19.86 -4.51 -13.31
C THR A 97 21.24 -4.60 -12.65
N ARG A 98 21.57 -5.79 -12.14
CA ARG A 98 22.87 -6.07 -11.51
C ARG A 98 24.03 -5.68 -12.39
N ILE A 99 23.90 -5.77 -13.72
CA ILE A 99 25.00 -5.31 -14.57
C ILE A 99 25.25 -3.80 -14.43
N VAL A 100 24.18 -3.02 -14.28
CA VAL A 100 24.28 -1.56 -14.18
C VAL A 100 24.91 -1.17 -12.83
N ILE A 101 24.45 -1.80 -11.76
CA ILE A 101 25.10 -1.68 -10.46
C ILE A 101 26.61 -2.05 -10.46
N GLN A 102 26.97 -3.19 -11.08
CA GLN A 102 28.33 -3.69 -11.07
C GLN A 102 29.27 -2.82 -11.85
N ALA A 103 28.75 -2.06 -12.83
CA ALA A 103 29.61 -1.07 -13.53
C ALA A 103 29.72 0.25 -12.76
N GLY A 104 29.32 0.22 -11.47
CA GLY A 104 29.28 1.40 -10.58
C GLY A 104 28.48 2.61 -11.06
N ALA A 105 27.24 2.43 -11.52
CA ALA A 105 26.51 3.55 -12.12
C ALA A 105 25.88 4.39 -11.02
N VAL A 106 25.63 3.76 -9.87
CA VAL A 106 24.93 4.43 -8.80
C VAL A 106 25.63 5.69 -8.24
N PRO A 107 26.88 5.60 -7.72
CA PRO A 107 27.51 6.88 -7.23
C PRO A 107 27.55 7.94 -8.32
N ILE A 108 27.78 7.53 -9.56
CA ILE A 108 27.75 8.48 -10.62
C ILE A 108 26.33 9.10 -10.71
N PHE A 109 25.27 8.29 -10.74
CA PHE A 109 23.94 8.90 -10.92
C PHE A 109 23.65 9.86 -9.77
N ILE A 110 23.97 9.42 -8.57
CA ILE A 110 23.84 10.28 -7.42
C ILE A 110 24.57 11.62 -7.60
N GLU A 111 25.84 11.57 -7.99
CA GLU A 111 26.62 12.80 -8.21
C GLU A 111 25.86 13.58 -9.30
N LEU A 112 25.21 12.88 -10.23
CA LEU A 112 24.46 13.55 -11.29
C LEU A 112 23.13 14.21 -10.83
N LEU A 113 22.66 13.86 -9.62
CA LEU A 113 21.53 14.51 -8.97
C LEU A 113 21.83 16.01 -8.82
N SER A 114 23.13 16.33 -8.80
CA SER A 114 23.60 17.68 -8.60
C SER A 114 24.03 18.37 -9.91
N SER A 115 23.91 17.72 -11.04
CA SER A 115 24.38 18.39 -12.24
C SER A 115 23.63 19.72 -12.44
N GLU A 116 24.26 20.64 -13.19
CA GLU A 116 23.63 21.92 -13.56
C GLU A 116 22.57 21.70 -14.64
N PHE A 117 22.50 20.48 -15.15
CA PHE A 117 21.55 20.15 -16.18
C PHE A 117 20.35 19.47 -15.57
N GLU A 118 19.21 20.04 -15.95
CA GLU A 118 17.89 19.69 -15.48
C GLU A 118 17.49 18.30 -16.02
N ASP A 119 17.62 18.15 -17.34
CA ASP A 119 17.33 16.92 -18.03
C ASP A 119 18.17 15.78 -17.49
N VAL A 120 19.42 16.05 -17.15
CA VAL A 120 20.29 15.03 -16.66
C VAL A 120 19.88 14.75 -15.24
N GLN A 121 19.67 15.79 -14.49
CA GLN A 121 19.24 15.63 -13.13
C GLN A 121 18.02 14.70 -13.06
N GLU A 122 17.07 14.93 -13.98
CA GLU A 122 15.80 14.23 -14.01
C GLU A 122 15.96 12.77 -14.34
N GLN A 123 16.67 12.51 -15.44
CA GLN A 123 16.86 11.15 -15.92
C GLN A 123 17.63 10.34 -14.89
N ALA A 124 18.46 11.00 -14.09
CA ALA A 124 19.33 10.28 -13.20
C ALA A 124 18.52 9.87 -12.05
N VAL A 125 17.45 10.61 -11.79
CA VAL A 125 16.68 10.26 -10.59
C VAL A 125 15.80 9.08 -11.01
N TRP A 126 15.43 9.13 -12.28
CA TRP A 126 14.71 8.04 -12.90
C TRP A 126 15.46 6.74 -12.79
N ALA A 127 16.64 6.67 -13.40
CA ALA A 127 17.50 5.48 -13.28
C ALA A 127 17.67 5.05 -11.83
N LEU A 128 17.81 5.99 -10.90
CA LEU A 128 18.07 5.55 -9.52
C LEU A 128 16.81 4.93 -8.90
N GLY A 129 15.66 5.34 -9.42
CA GLY A 129 14.39 4.84 -8.97
C GLY A 129 14.20 3.39 -9.43
N ASN A 130 14.49 3.18 -10.70
CA ASN A 130 14.61 1.81 -11.22
C ASN A 130 15.54 0.94 -10.40
N ILE A 131 16.78 1.36 -10.19
CA ILE A 131 17.72 0.53 -9.45
C ILE A 131 17.23 0.24 -8.04
N ALA A 132 16.72 1.25 -7.34
CA ALA A 132 16.22 1.01 -5.97
C ALA A 132 14.98 0.13 -5.97
N GLY A 133 14.23 0.15 -7.08
CA GLY A 133 12.98 -0.58 -7.08
C GLY A 133 13.15 -2.05 -7.47
N ASP A 134 14.39 -2.45 -7.67
CA ASP A 134 14.66 -3.78 -8.15
C ASP A 134 14.58 -4.81 -7.06
N SER A 135 15.22 -4.55 -5.93
CA SER A 135 15.15 -5.47 -4.82
C SER A 135 15.44 -4.74 -3.53
N THR A 136 15.21 -5.45 -2.45
CA THR A 136 15.58 -5.09 -1.13
C THR A 136 17.04 -4.66 -0.96
N MET A 137 17.98 -5.40 -1.53
CA MET A 137 19.41 -5.15 -1.26
C MET A 137 19.91 -4.06 -2.18
N CYS A 138 19.34 -3.97 -3.37
CA CYS A 138 19.54 -2.81 -4.23
C CYS A 138 18.97 -1.56 -3.62
N ARG A 139 17.87 -1.69 -2.91
CA ARG A 139 17.29 -0.52 -2.27
C ARG A 139 18.29 0.02 -1.22
N ASP A 140 18.68 -0.84 -0.29
CA ASP A 140 19.62 -0.47 0.76
C ASP A 140 20.96 -0.09 0.22
N TYR A 141 21.34 -0.69 -0.89
CA TYR A 141 22.63 -0.35 -1.44
C TYR A 141 22.56 1.09 -1.93
N VAL A 142 21.44 1.48 -2.51
CA VAL A 142 21.32 2.85 -2.95
C VAL A 142 21.17 3.86 -1.82
N LEU A 143 20.43 3.51 -0.77
CA LEU A 143 20.48 4.34 0.44
C LEU A 143 21.93 4.53 1.00
N ASP A 144 22.63 3.41 1.23
CA ASP A 144 24.02 3.44 1.63
C ASP A 144 24.95 4.34 0.80
N CYS A 145 24.69 4.51 -0.48
CA CYS A 145 25.45 5.48 -1.27
C CYS A 145 25.02 6.92 -1.11
N ASN A 146 24.20 7.23 -0.08
CA ASN A 146 23.75 8.62 0.21
C ASN A 146 22.90 9.25 -0.87
N ILE A 147 21.79 8.62 -1.25
CA ILE A 147 20.96 9.22 -2.31
C ILE A 147 20.06 10.33 -1.73
N LEU A 148 19.60 10.10 -0.49
CA LEU A 148 18.63 10.99 0.18
C LEU A 148 18.95 12.49 0.16
N PRO A 149 20.06 12.93 0.77
CA PRO A 149 20.29 14.38 0.80
C PRO A 149 20.17 15.03 -0.55
N PRO A 150 20.88 14.51 -1.53
CA PRO A 150 20.77 15.28 -2.77
C PRO A 150 19.44 15.01 -3.46
N LEU A 151 18.85 13.85 -3.21
CA LEU A 151 17.50 13.63 -3.73
C LEU A 151 16.52 14.66 -3.09
N LEU A 152 16.52 14.73 -1.75
CA LEU A 152 15.58 15.62 -1.04
C LEU A 152 15.74 17.04 -1.48
N GLN A 153 17.00 17.43 -1.62
CA GLN A 153 17.37 18.74 -2.14
C GLN A 153 16.57 19.10 -3.42
N LEU A 154 16.15 18.10 -4.19
CA LEU A 154 15.58 18.36 -5.50
C LEU A 154 14.20 18.94 -5.40
N PHE A 155 13.53 18.79 -4.26
CA PHE A 155 12.15 19.25 -4.16
C PHE A 155 12.10 20.75 -3.91
N SER A 156 13.20 21.28 -3.40
CA SER A 156 13.39 22.71 -3.21
C SER A 156 13.27 23.55 -4.49
N LYS A 157 13.09 22.97 -5.66
CA LYS A 157 12.68 23.84 -6.76
C LYS A 157 11.26 23.41 -7.20
N GLN A 158 10.20 24.02 -6.62
CA GLN A 158 8.77 23.62 -6.86
C GLN A 158 8.25 23.91 -8.28
N ASN A 159 9.13 24.52 -9.09
CA ASN A 159 8.83 24.98 -10.44
C ASN A 159 8.57 23.86 -11.47
N ARG A 160 9.36 22.78 -11.44
CA ARG A 160 9.27 21.77 -12.51
C ARG A 160 8.71 20.39 -12.13
N LEU A 161 7.73 19.99 -12.93
CA LEU A 161 6.81 18.99 -12.51
C LEU A 161 7.36 17.60 -12.75
N THR A 162 7.82 17.34 -13.97
CA THR A 162 8.39 16.04 -14.34
C THR A 162 9.47 15.67 -13.32
N MET A 163 10.34 16.61 -12.96
CA MET A 163 11.36 16.31 -11.97
C MET A 163 10.79 15.91 -10.61
N THR A 164 9.69 16.54 -10.22
CA THR A 164 9.12 16.30 -8.89
C THR A 164 8.44 14.94 -8.83
N ARG A 165 7.74 14.60 -9.89
CA ARG A 165 7.16 13.30 -10.08
C ARG A 165 8.25 12.23 -9.96
N ASN A 166 9.27 12.30 -10.83
CA ASN A 166 10.39 11.35 -10.75
C ASN A 166 10.89 11.21 -9.36
N ALA A 167 11.14 12.33 -8.71
CA ALA A 167 11.74 12.27 -7.39
C ALA A 167 10.88 11.61 -6.34
N VAL A 168 9.55 11.82 -6.39
CA VAL A 168 8.77 11.27 -5.23
C VAL A 168 8.68 9.83 -5.52
N TRP A 169 8.42 9.56 -6.79
CA TRP A 169 8.46 8.22 -7.31
C TRP A 169 9.69 7.46 -6.85
N ALA A 170 10.87 8.01 -7.11
CA ALA A 170 12.11 7.30 -6.71
C ALA A 170 12.15 7.15 -5.22
N LEU A 171 11.52 8.10 -4.57
CA LEU A 171 11.64 8.19 -3.17
C LEU A 171 10.81 7.08 -2.55
N SER A 172 9.68 6.77 -3.20
CA SER A 172 8.78 5.78 -2.64
C SER A 172 9.45 4.40 -2.84
N ASN A 173 10.16 4.26 -3.96
CA ASN A 173 11.05 3.10 -4.01
C ASN A 173 12.04 2.95 -2.87
N LEU A 174 12.57 4.05 -2.34
CA LEU A 174 13.43 3.91 -1.17
C LEU A 174 12.68 3.46 0.05
N CYS A 175 11.37 3.68 0.10
CA CYS A 175 10.73 3.41 1.41
C CYS A 175 10.10 2.06 1.38
N ARG A 176 9.84 1.60 0.18
CA ARG A 176 9.14 0.34 -0.13
C ARG A 176 9.84 -0.94 0.34
N GLY A 177 9.06 -1.96 0.70
CA GLY A 177 9.64 -3.29 0.98
C GLY A 177 9.65 -3.61 2.45
N LYS A 178 9.01 -4.72 2.80
CA LYS A 178 8.87 -5.11 4.20
C LYS A 178 9.85 -6.22 4.59
N SER A 179 10.62 -6.76 3.63
CA SER A 179 11.47 -7.97 3.86
C SER A 179 12.96 -7.93 3.45
N PRO A 180 13.83 -7.29 4.25
CA PRO A 180 13.56 -6.48 5.44
C PRO A 180 13.18 -4.98 5.12
N PRO A 181 12.62 -4.29 6.12
CA PRO A 181 12.29 -2.89 5.85
C PRO A 181 13.61 -2.13 5.75
N PRO A 182 13.65 -0.95 5.06
CA PRO A 182 14.92 -0.20 5.10
C PRO A 182 15.20 0.21 6.53
N GLU A 183 16.45 0.58 6.81
CA GLU A 183 16.78 1.12 8.12
C GLU A 183 16.01 2.43 8.21
N PHE A 184 15.10 2.49 9.18
CA PHE A 184 14.15 3.61 9.25
C PHE A 184 14.87 4.92 9.29
N ALA A 185 15.83 5.02 10.19
CA ALA A 185 16.67 6.23 10.29
C ALA A 185 17.27 6.65 8.95
N LYS A 186 17.48 5.72 8.02
CA LYS A 186 18.08 6.07 6.72
C LYS A 186 17.02 6.64 5.80
N VAL A 187 15.77 6.45 6.16
CA VAL A 187 14.64 6.80 5.29
C VAL A 187 13.69 7.87 5.89
N SER A 188 13.57 7.89 7.21
CA SER A 188 12.73 8.88 7.92
C SER A 188 13.08 10.36 7.76
N PRO A 189 14.30 10.69 7.29
CA PRO A 189 14.50 12.10 6.94
C PRO A 189 13.60 12.63 5.85
N CYS A 190 13.01 11.79 5.02
CA CYS A 190 12.12 12.35 3.98
C CYS A 190 10.72 12.79 4.48
N LEU A 191 10.40 12.58 5.75
CA LEU A 191 9.02 12.87 6.23
C LEU A 191 8.56 14.33 6.01
N ASN A 192 9.47 15.28 6.21
CA ASN A 192 9.17 16.69 5.94
C ASN A 192 8.75 16.95 4.55
N VAL A 193 9.63 16.69 3.63
CA VAL A 193 9.27 16.90 2.27
C VAL A 193 7.91 16.26 1.98
N LEU A 194 7.68 15.08 2.61
CA LEU A 194 6.63 14.19 2.18
C LEU A 194 5.29 14.77 2.61
N SER A 195 5.28 15.22 3.87
CA SER A 195 4.11 15.87 4.49
C SER A 195 3.66 17.10 3.70
N TRP A 196 4.63 17.88 3.22
CA TRP A 196 4.19 19.05 2.51
C TRP A 196 3.97 18.79 1.05
N LEU A 197 4.43 17.66 0.49
CA LEU A 197 4.06 17.38 -0.91
C LEU A 197 2.58 16.99 -1.03
N LEU A 198 2.00 16.58 0.08
CA LEU A 198 0.58 16.36 0.17
C LEU A 198 -0.31 17.54 -0.20
N PHE A 199 0.22 18.77 -0.12
CA PHE A 199 -0.60 19.95 -0.45
C PHE A 199 -0.40 20.43 -1.85
N VAL A 200 0.36 19.69 -2.61
CA VAL A 200 0.74 20.09 -3.96
C VAL A 200 -0.49 19.78 -4.77
N SER A 201 -0.48 20.04 -6.04
CA SER A 201 -1.70 19.90 -6.81
C SER A 201 -1.73 18.70 -7.75
N ASP A 202 -0.54 18.25 -8.20
CA ASP A 202 -0.45 17.19 -9.22
C ASP A 202 -0.84 15.82 -8.72
N THR A 203 -1.60 15.12 -9.54
CA THR A 203 -2.14 13.83 -9.18
C THR A 203 -0.98 12.79 -8.93
N ASP A 204 -0.08 12.66 -9.90
CA ASP A 204 1.03 11.73 -9.76
C ASP A 204 1.87 12.03 -8.53
N VAL A 205 2.10 13.30 -8.25
CA VAL A 205 2.94 13.64 -7.13
C VAL A 205 2.22 13.25 -5.85
N LEU A 206 0.92 13.51 -5.78
CA LEU A 206 0.17 13.18 -4.58
C LEU A 206 0.14 11.67 -4.41
N ALA A 207 -0.04 10.99 -5.52
CA ALA A 207 -0.13 9.53 -5.46
C ALA A 207 1.14 8.90 -4.83
N ASP A 208 2.30 9.32 -5.34
CA ASP A 208 3.52 8.67 -4.92
C ASP A 208 3.84 9.06 -3.51
N ALA A 209 3.37 10.25 -3.11
CA ALA A 209 3.75 10.67 -1.80
C ALA A 209 2.89 9.88 -0.83
N CYS A 210 1.68 9.50 -1.27
CA CYS A 210 0.87 8.60 -0.44
C CYS A 210 1.42 7.15 -0.43
N TRP A 211 1.81 6.64 -1.59
CA TRP A 211 2.56 5.37 -1.55
C TRP A 211 3.67 5.43 -0.56
N ALA A 212 4.54 6.42 -0.72
CA ALA A 212 5.70 6.49 0.16
C ALA A 212 5.23 6.54 1.58
N LEU A 213 4.18 7.31 1.85
CA LEU A 213 3.78 7.45 3.25
C LEU A 213 3.15 6.18 3.72
N SER A 214 2.61 5.38 2.80
CA SER A 214 2.02 4.10 3.24
C SER A 214 3.12 3.10 3.54
N TYR A 215 4.20 3.15 2.78
CA TYR A 215 5.26 2.19 3.05
C TYR A 215 5.86 2.50 4.36
N LEU A 216 5.98 3.80 4.69
CA LEU A 216 6.61 4.20 5.96
C LEU A 216 5.71 3.95 7.15
N SER A 217 4.40 3.97 6.95
CA SER A 217 3.50 3.69 8.06
C SER A 217 3.28 2.20 8.28
N ASP A 218 3.89 1.40 7.41
CA ASP A 218 3.64 -0.04 7.40
C ASP A 218 4.63 -0.72 8.33
N GLY A 219 4.39 -0.61 9.62
CA GLY A 219 5.26 -1.21 10.61
C GLY A 219 4.81 -1.04 12.05
N PRO A 220 5.77 -1.07 12.98
CA PRO A 220 5.46 -1.00 14.41
C PRO A 220 4.98 0.42 14.76
N ASN A 221 4.41 0.57 15.96
CA ASN A 221 3.76 1.78 16.39
C ASN A 221 4.65 3.01 16.42
N ASP A 222 5.93 2.83 16.70
CA ASP A 222 6.86 4.00 16.71
C ASP A 222 7.12 4.51 15.30
N LYS A 223 7.10 3.62 14.31
CA LYS A 223 7.22 4.10 12.93
C LYS A 223 5.95 4.90 12.53
N ILE A 224 4.79 4.39 12.99
CA ILE A 224 3.52 5.09 12.77
C ILE A 224 3.62 6.46 13.47
N GLN A 225 4.11 6.44 14.71
CA GLN A 225 4.28 7.66 15.44
C GLN A 225 5.05 8.69 14.62
N ALA A 226 6.13 8.23 14.02
CA ALA A 226 6.96 9.13 13.27
C ALA A 226 6.16 9.79 12.12
N VAL A 227 5.32 9.00 11.45
CA VAL A 227 4.47 9.50 10.36
C VAL A 227 3.42 10.48 10.90
N ILE A 228 2.90 10.17 12.08
CA ILE A 228 1.92 11.01 12.74
C ILE A 228 2.55 12.39 13.05
N ASP A 229 3.77 12.37 13.60
CA ASP A 229 4.52 13.59 13.99
C ASP A 229 4.91 14.47 12.81
N ALA A 230 4.92 13.96 11.58
CA ALA A 230 5.15 14.87 10.46
C ALA A 230 3.87 15.53 10.07
N GLY A 231 2.79 15.19 10.80
CA GLY A 231 1.44 15.84 10.66
C GLY A 231 0.68 15.65 9.34
N VAL A 232 0.86 14.51 8.69
CA VAL A 232 0.20 14.24 7.42
C VAL A 232 -1.25 13.75 7.53
N CYS A 233 -1.67 13.39 8.72
CA CYS A 233 -2.96 12.77 8.91
C CYS A 233 -4.09 13.54 8.28
N ARG A 234 -4.19 14.83 8.60
CA ARG A 234 -5.27 15.62 8.05
C ARG A 234 -5.21 15.64 6.51
N ARG A 235 -4.05 15.84 5.92
CA ARG A 235 -4.05 15.85 4.44
C ARG A 235 -4.49 14.50 3.93
N LEU A 236 -3.99 13.47 4.61
CA LEU A 236 -4.21 12.12 4.21
C LEU A 236 -5.71 11.81 4.25
N VAL A 237 -6.37 12.13 5.39
CA VAL A 237 -7.82 11.95 5.45
C VAL A 237 -8.52 12.79 4.37
N GLU A 238 -8.01 13.99 4.07
CA GLU A 238 -8.76 14.80 3.11
C GLU A 238 -8.62 14.22 1.73
N LEU A 239 -7.47 13.61 1.46
CA LEU A 239 -7.23 12.97 0.14
C LEU A 239 -8.07 11.71 -0.06
N LEU A 240 -8.68 11.16 1.01
CA LEU A 240 -9.69 10.08 0.81
C LEU A 240 -10.86 10.50 -0.14
N MET A 241 -11.04 11.80 -0.37
CA MET A 241 -12.16 12.36 -1.13
C MET A 241 -11.71 12.72 -2.51
N HIS A 242 -10.42 12.52 -2.79
CA HIS A 242 -9.90 12.87 -4.10
C HIS A 242 -10.72 12.18 -5.18
N ASN A 243 -10.77 12.83 -6.32
CA ASN A 243 -11.60 12.36 -7.42
C ASN A 243 -10.87 11.27 -8.17
N ASP A 244 -9.54 11.23 -8.08
CA ASP A 244 -8.79 10.21 -8.84
C ASP A 244 -8.42 9.00 -7.96
N TYR A 245 -8.84 7.81 -8.36
CA TYR A 245 -8.46 6.58 -7.67
C TYR A 245 -6.98 6.43 -7.38
N LYS A 246 -6.16 6.95 -8.29
CA LYS A 246 -4.69 6.93 -8.16
C LYS A 246 -4.22 7.43 -6.80
N VAL A 247 -4.88 8.47 -6.29
CA VAL A 247 -4.55 9.10 -5.02
C VAL A 247 -5.28 8.37 -3.87
N VAL A 248 -6.51 7.91 -4.15
CA VAL A 248 -7.39 7.44 -3.06
C VAL A 248 -6.78 6.14 -2.54
N SER A 249 -6.44 5.20 -3.42
CA SER A 249 -5.92 3.91 -2.91
C SER A 249 -4.75 4.03 -1.96
N PRO A 250 -3.67 4.74 -2.38
CA PRO A 250 -2.52 4.84 -1.47
C PRO A 250 -2.85 5.62 -0.22
N ALA A 251 -3.66 6.66 -0.36
CA ALA A 251 -4.08 7.43 0.85
C ALA A 251 -4.88 6.53 1.79
N LEU A 252 -5.65 5.66 1.21
CA LEU A 252 -6.47 4.81 1.96
C LEU A 252 -5.59 3.83 2.68
N ARG A 253 -4.54 3.36 2.02
CA ARG A 253 -3.57 2.51 2.65
C ARG A 253 -2.90 3.20 3.78
N ALA A 254 -2.40 4.41 3.52
CA ALA A 254 -1.69 5.12 4.60
C ALA A 254 -2.61 5.31 5.84
N VAL A 255 -3.81 5.87 5.66
CA VAL A 255 -4.73 6.01 6.77
C VAL A 255 -5.00 4.62 7.35
N GLY A 256 -5.14 3.63 6.46
CA GLY A 256 -5.40 2.23 6.87
C GLY A 256 -4.28 1.72 7.75
N ASN A 257 -3.04 2.07 7.41
CA ASN A 257 -1.86 1.64 8.16
C ASN A 257 -1.75 2.30 9.48
N ILE A 258 -1.95 3.62 9.52
CA ILE A 258 -1.89 4.39 10.75
C ILE A 258 -2.87 3.86 11.75
N VAL A 259 -4.09 3.50 11.33
CA VAL A 259 -5.05 2.93 12.34
C VAL A 259 -4.76 1.51 12.81
N THR A 260 -3.64 0.93 12.37
CA THR A 260 -3.19 -0.31 13.00
C THR A 260 -2.53 -0.03 14.32
N GLY A 261 -2.20 1.23 14.60
CA GLY A 261 -1.59 1.57 15.89
C GLY A 261 -2.51 1.44 17.08
N ASP A 262 -2.01 1.80 18.26
CA ASP A 262 -2.81 1.87 19.50
C ASP A 262 -4.01 2.87 19.40
N ASP A 263 -4.89 2.88 20.40
CA ASP A 263 -6.07 3.79 20.39
C ASP A 263 -5.80 5.30 20.21
N ILE A 264 -4.78 5.80 20.92
CA ILE A 264 -4.30 7.17 20.79
C ILE A 264 -3.97 7.52 19.34
N GLN A 265 -3.11 6.72 18.70
CA GLN A 265 -2.72 6.95 17.31
C GLN A 265 -3.93 6.90 16.37
N THR A 266 -4.76 5.89 16.59
CA THR A 266 -5.97 5.87 15.80
C THR A 266 -6.91 7.08 16.05
N GLN A 267 -6.95 7.57 17.30
CA GLN A 267 -7.72 8.77 17.62
C GLN A 267 -7.33 9.97 16.76
N VAL A 268 -6.05 10.07 16.49
CA VAL A 268 -5.60 11.14 15.64
C VAL A 268 -6.27 11.08 14.26
N ILE A 269 -6.43 9.87 13.74
CA ILE A 269 -7.11 9.77 12.47
C ILE A 269 -8.58 10.17 12.67
N LEU A 270 -9.21 9.66 13.73
CA LEU A 270 -10.62 9.91 13.98
C LEU A 270 -10.87 11.43 14.18
N ASN A 271 -9.94 12.11 14.86
CA ASN A 271 -10.00 13.57 15.03
C ASN A 271 -9.94 14.38 13.72
N CYS A 272 -9.54 13.72 12.65
CA CYS A 272 -9.59 14.36 11.34
C CYS A 272 -10.91 14.09 10.61
N SER A 273 -11.89 13.45 11.29
CA SER A 273 -13.22 13.20 10.73
C SER A 273 -13.10 12.22 9.56
N ALA A 274 -12.24 11.22 9.70
CA ALA A 274 -12.08 10.26 8.64
C ALA A 274 -13.38 9.43 8.39
N LEU A 275 -14.12 9.12 9.44
CA LEU A 275 -15.18 8.13 9.32
C LEU A 275 -16.16 8.57 8.24
N GLN A 276 -16.38 9.86 8.15
CA GLN A 276 -17.40 10.36 7.22
C GLN A 276 -16.96 10.08 5.79
N SER A 277 -15.65 10.19 5.57
CA SER A 277 -15.04 9.83 4.29
C SER A 277 -14.95 8.31 4.01
N LEU A 278 -14.67 7.56 5.06
CA LEU A 278 -14.66 6.11 4.95
C LEU A 278 -16.07 5.62 4.57
N LEU A 279 -17.10 6.11 5.26
CA LEU A 279 -18.49 5.82 4.89
C LEU A 279 -18.75 6.02 3.41
N HIS A 280 -18.31 7.16 2.89
CA HIS A 280 -18.46 7.44 1.47
C HIS A 280 -17.79 6.33 0.70
N LEU A 281 -16.55 6.00 1.05
CA LEU A 281 -15.79 5.01 0.31
C LEU A 281 -16.44 3.65 0.32
N LEU A 282 -17.20 3.33 1.37
CA LEU A 282 -17.95 2.06 1.41
C LEU A 282 -18.94 1.84 0.21
N SER A 283 -19.21 2.89 -0.56
CA SER A 283 -20.03 2.80 -1.79
C SER A 283 -19.15 2.88 -3.04
N SER A 284 -17.84 2.77 -2.93
CA SER A 284 -17.07 2.84 -4.16
C SER A 284 -17.48 1.82 -5.25
N PRO A 285 -17.55 2.30 -6.49
CA PRO A 285 -17.63 1.36 -7.61
C PRO A 285 -16.52 0.32 -7.48
N LYS A 286 -15.34 0.75 -7.01
CA LYS A 286 -14.17 -0.10 -6.95
C LYS A 286 -14.09 -1.00 -5.70
N GLU A 287 -14.23 -2.30 -5.90
CA GLU A 287 -14.23 -3.30 -4.84
C GLU A 287 -13.01 -3.28 -3.87
N SER A 288 -11.85 -2.97 -4.42
CA SER A 288 -10.63 -2.96 -3.58
C SER A 288 -10.70 -1.78 -2.61
N ILE A 289 -11.17 -0.63 -3.08
CA ILE A 289 -11.52 0.48 -2.20
C ILE A 289 -12.51 0.15 -1.07
N LYS A 290 -13.60 -0.55 -1.37
CA LYS A 290 -14.58 -0.88 -0.35
C LYS A 290 -13.92 -1.80 0.61
N LYS A 291 -13.17 -2.75 0.06
CA LYS A 291 -12.49 -3.75 0.89
C LYS A 291 -11.53 -3.09 1.86
N GLU A 292 -10.74 -2.18 1.32
CA GLU A 292 -9.76 -1.45 2.13
C GLU A 292 -10.42 -0.53 3.19
N ALA A 293 -11.53 0.08 2.81
CA ALA A 293 -12.21 0.89 3.74
C ALA A 293 -12.80 0.02 4.86
N CYS A 294 -13.22 -1.17 4.51
CA CYS A 294 -13.77 -2.09 5.54
C CYS A 294 -12.70 -2.50 6.50
N TRP A 295 -11.54 -2.78 5.96
CA TRP A 295 -10.46 -3.20 6.80
C TRP A 295 -10.01 -2.04 7.72
N THR A 296 -9.87 -0.85 7.16
CA THR A 296 -9.58 0.31 7.98
C THR A 296 -10.60 0.45 9.09
N ILE A 297 -11.90 0.37 8.76
CA ILE A 297 -12.92 0.42 9.80
C ILE A 297 -12.75 -0.66 10.87
N SER A 298 -12.38 -1.88 10.46
CA SER A 298 -12.33 -2.96 11.45
C SER A 298 -11.30 -2.63 12.48
N ASN A 299 -10.24 -1.94 12.05
CA ASN A 299 -9.19 -1.54 13.01
C ASN A 299 -9.56 -0.36 13.89
N ILE A 300 -10.56 0.42 13.46
CA ILE A 300 -11.15 1.43 14.32
C ILE A 300 -12.16 0.75 15.27
N THR A 301 -12.91 -0.26 14.82
CA THR A 301 -13.86 -0.83 15.78
C THR A 301 -13.26 -1.88 16.70
N ALA A 302 -11.95 -2.08 16.57
CA ALA A 302 -11.21 -2.89 17.52
C ALA A 302 -10.62 -2.02 18.66
N GLY A 303 -10.85 -0.69 18.60
CA GLY A 303 -10.53 0.21 19.70
C GLY A 303 -11.47 0.33 20.92
N ASN A 304 -11.44 1.49 21.57
CA ASN A 304 -12.12 1.62 22.83
C ASN A 304 -13.60 1.99 22.62
N ARG A 305 -14.40 1.88 23.67
CA ARG A 305 -15.85 2.16 23.58
C ARG A 305 -16.21 3.46 22.80
N ALA A 306 -15.35 4.49 22.88
CA ALA A 306 -15.75 5.75 22.32
C ALA A 306 -15.59 5.73 20.81
N GLN A 307 -14.58 4.98 20.37
CA GLN A 307 -14.25 4.84 18.95
C GLN A 307 -15.33 3.99 18.29
N ILE A 308 -15.67 2.89 18.93
CA ILE A 308 -16.78 2.13 18.43
C ILE A 308 -17.97 3.10 18.21
N GLN A 309 -18.30 3.81 19.30
CA GLN A 309 -19.41 4.78 19.30
C GLN A 309 -19.29 5.88 18.25
N THR A 310 -18.10 6.41 18.05
CA THR A 310 -17.92 7.27 16.89
C THR A 310 -18.20 6.55 15.52
N VAL A 311 -18.05 5.22 15.43
CA VAL A 311 -18.34 4.53 14.20
C VAL A 311 -19.87 4.38 14.09
N ILE A 312 -20.51 4.04 15.21
CA ILE A 312 -21.96 4.05 15.25
C ILE A 312 -22.52 5.41 14.77
N ASP A 313 -22.06 6.51 15.35
CA ASP A 313 -22.63 7.81 15.01
C ASP A 313 -22.33 8.26 13.59
N ALA A 314 -21.25 7.75 12.96
CA ALA A 314 -21.04 8.11 11.53
C ALA A 314 -21.99 7.33 10.65
N ASN A 315 -22.88 6.53 11.26
CA ASN A 315 -23.79 5.70 10.51
C ASN A 315 -23.14 4.63 9.66
N ILE A 316 -21.92 4.21 10.00
CA ILE A 316 -21.16 3.26 9.23
C ILE A 316 -21.84 1.86 9.16
N PHE A 317 -22.50 1.44 10.24
CA PHE A 317 -22.91 0.05 10.40
C PHE A 317 -23.99 -0.39 9.42
N PRO A 318 -24.88 0.50 9.07
CA PRO A 318 -25.77 -0.09 8.05
C PRO A 318 -25.04 -0.40 6.76
N ALA A 319 -24.00 0.35 6.41
CA ALA A 319 -23.22 0.06 5.18
C ALA A 319 -22.39 -1.22 5.27
N LEU A 320 -21.80 -1.47 6.42
CA LEU A 320 -21.13 -2.72 6.67
C LEU A 320 -22.12 -3.89 6.50
N ILE A 321 -23.30 -3.80 7.07
CA ILE A 321 -24.26 -4.89 6.95
C ILE A 321 -24.62 -5.07 5.47
N SER A 322 -24.86 -3.97 4.77
CA SER A 322 -25.26 -4.06 3.40
C SER A 322 -24.11 -4.69 2.60
N ILE A 323 -22.88 -4.35 2.97
CA ILE A 323 -21.71 -4.99 2.37
C ILE A 323 -21.66 -6.51 2.63
N LEU A 324 -22.03 -6.94 3.84
CA LEU A 324 -21.99 -8.34 4.18
C LEU A 324 -22.98 -9.14 3.34
N GLN A 325 -24.09 -8.50 3.03
CA GLN A 325 -25.09 -9.07 2.19
C GLN A 325 -24.77 -9.00 0.69
N THR A 326 -23.95 -8.08 0.21
CA THR A 326 -24.01 -7.87 -1.24
C THR A 326 -22.70 -7.98 -2.02
N ALA A 327 -21.57 -8.20 -1.34
CA ALA A 327 -20.28 -7.89 -1.96
C ALA A 327 -19.44 -9.14 -2.12
N GLU A 328 -18.26 -8.98 -2.72
CA GLU A 328 -17.32 -10.05 -2.91
C GLU A 328 -16.86 -10.56 -1.59
N PHE A 329 -16.41 -11.80 -1.61
CA PHE A 329 -16.05 -12.49 -0.39
C PHE A 329 -14.84 -11.78 0.25
N ARG A 330 -13.88 -11.34 -0.57
CA ARG A 330 -12.74 -10.52 -0.05
C ARG A 330 -13.29 -9.34 0.78
N THR A 331 -14.13 -8.51 0.16
CA THR A 331 -14.78 -7.41 0.84
C THR A 331 -15.56 -7.82 2.09
N ARG A 332 -16.36 -8.87 2.00
CA ARG A 332 -17.24 -9.25 3.11
C ARG A 332 -16.43 -9.74 4.27
N LYS A 333 -15.28 -10.32 4.01
CA LYS A 333 -14.42 -10.81 5.10
C LYS A 333 -14.18 -9.61 6.03
N GLU A 334 -13.79 -8.48 5.42
CA GLU A 334 -13.37 -7.31 6.17
C GLU A 334 -14.56 -6.69 6.93
N ALA A 335 -15.71 -6.53 6.26
CA ALA A 335 -16.92 -6.10 6.97
C ALA A 335 -17.21 -6.99 8.14
N ALA A 336 -16.99 -8.26 7.98
CA ALA A 336 -17.34 -9.23 9.04
C ALA A 336 -16.49 -9.02 10.27
N TRP A 337 -15.23 -8.67 10.06
CA TRP A 337 -14.27 -8.41 11.15
C TRP A 337 -14.65 -7.08 11.79
N ALA A 338 -14.96 -6.11 10.94
CA ALA A 338 -15.39 -4.88 11.46
C ALA A 338 -16.55 -5.06 12.43
N ILE A 339 -17.56 -5.85 12.07
CA ILE A 339 -18.71 -6.01 12.96
C ILE A 339 -18.40 -6.83 14.20
N THR A 340 -17.61 -7.89 14.09
CA THR A 340 -17.41 -8.75 15.25
C THR A 340 -16.52 -8.03 16.29
N ASN A 341 -15.46 -7.36 15.83
CA ASN A 341 -14.62 -6.51 16.71
C ASN A 341 -15.54 -5.56 17.55
N ALA A 342 -16.52 -4.91 16.90
CA ALA A 342 -17.45 -4.08 17.67
C ALA A 342 -18.19 -4.87 18.74
N THR A 343 -18.57 -6.11 18.46
CA THR A 343 -19.32 -6.91 19.46
C THR A 343 -18.43 -7.36 20.60
N SER A 344 -17.16 -7.44 20.29
CA SER A 344 -16.16 -7.80 21.25
C SER A 344 -15.80 -6.63 22.23
N GLY A 345 -15.68 -5.41 21.72
CA GLY A 345 -15.33 -4.29 22.58
C GLY A 345 -16.47 -3.36 22.98
N GLY A 346 -17.72 -3.75 22.70
CA GLY A 346 -18.85 -2.86 22.93
C GLY A 346 -19.55 -2.92 24.27
N SER A 347 -20.24 -1.83 24.60
CA SER A 347 -21.18 -1.80 25.72
C SER A 347 -22.45 -2.53 25.34
N ALA A 348 -23.21 -2.96 26.33
CA ALA A 348 -24.49 -3.55 26.04
C ALA A 348 -25.37 -2.69 25.07
N GLU A 349 -25.48 -1.39 25.31
CA GLU A 349 -26.35 -0.53 24.49
C GLU A 349 -25.90 -0.63 23.04
N GLN A 350 -24.58 -0.77 22.86
CA GLN A 350 -23.92 -0.81 21.56
C GLN A 350 -24.22 -2.07 20.77
N ILE A 351 -24.28 -3.20 21.47
CA ILE A 351 -24.54 -4.45 20.81
C ILE A 351 -26.03 -4.58 20.49
N LYS A 352 -26.86 -4.12 21.43
CA LYS A 352 -28.30 -3.94 21.22
C LYS A 352 -28.51 -3.13 19.93
N TYR A 353 -27.83 -2.00 19.79
CA TYR A 353 -27.89 -1.28 18.52
C TYR A 353 -27.52 -2.16 17.29
N LEU A 354 -26.49 -3.00 17.42
CA LEU A 354 -26.10 -3.84 16.28
C LEU A 354 -27.20 -4.86 15.98
N VAL A 355 -27.69 -5.54 17.02
CA VAL A 355 -28.81 -6.45 16.85
C VAL A 355 -30.01 -5.71 16.25
N GLU A 356 -30.42 -4.62 16.84
CA GLU A 356 -31.56 -3.89 16.27
C GLU A 356 -31.33 -3.57 14.78
N LEU A 357 -30.09 -3.28 14.37
CA LEU A 357 -29.80 -3.10 12.95
C LEU A 357 -29.95 -4.35 12.11
N GLY A 358 -29.92 -5.54 12.73
CA GLY A 358 -30.05 -6.76 11.94
C GLY A 358 -28.74 -7.41 11.55
N CYS A 359 -27.73 -7.29 12.39
CA CYS A 359 -26.43 -7.92 12.12
C CYS A 359 -26.46 -9.46 12.37
N ILE A 360 -27.52 -9.96 13.00
CA ILE A 360 -27.52 -11.38 13.37
C ILE A 360 -27.55 -12.32 12.12
N LYS A 361 -28.56 -12.18 11.24
CA LYS A 361 -28.61 -12.96 10.00
C LYS A 361 -27.30 -12.94 9.20
N PRO A 362 -26.73 -11.74 8.91
CA PRO A 362 -25.50 -11.70 8.09
C PRO A 362 -24.32 -12.45 8.70
N LEU A 363 -24.23 -12.47 10.03
CA LEU A 363 -23.27 -13.33 10.71
C LEU A 363 -23.61 -14.82 10.56
N CYS A 364 -24.86 -15.17 10.78
CA CYS A 364 -25.29 -16.56 10.64
C CYS A 364 -25.09 -17.12 9.22
N ASP A 365 -25.21 -16.29 8.19
CA ASP A 365 -25.01 -16.74 6.81
C ASP A 365 -23.57 -17.08 6.56
N LEU A 366 -22.68 -16.47 7.29
CA LEU A 366 -21.28 -16.73 7.10
C LEU A 366 -20.93 -18.14 7.57
N LEU A 367 -21.81 -18.77 8.33
CA LEU A 367 -21.35 -19.89 9.12
C LEU A 367 -20.99 -21.09 8.25
N THR A 368 -21.43 -21.06 6.99
CA THR A 368 -21.35 -22.21 6.07
C THR A 368 -20.40 -21.99 4.90
N VAL A 369 -19.50 -21.00 5.01
CA VAL A 369 -18.50 -20.72 3.96
C VAL A 369 -17.23 -21.57 4.17
N MET A 370 -16.33 -21.63 3.18
CA MET A 370 -15.13 -22.50 3.30
C MET A 370 -14.07 -21.98 4.28
N ASP A 371 -13.78 -20.69 4.19
CA ASP A 371 -12.77 -20.08 5.05
C ASP A 371 -13.13 -20.22 6.54
N SER A 372 -12.33 -21.04 7.22
CA SER A 372 -12.60 -21.40 8.58
C SER A 372 -12.52 -20.27 9.56
N LYS A 373 -11.65 -19.29 9.26
CA LYS A 373 -11.43 -18.11 10.15
C LYS A 373 -12.70 -17.26 10.23
N ILE A 374 -13.26 -16.98 9.07
CA ILE A 374 -14.50 -16.26 8.96
C ILE A 374 -15.61 -16.92 9.77
N VAL A 375 -15.66 -18.25 9.66
CA VAL A 375 -16.64 -18.98 10.45
C VAL A 375 -16.37 -18.68 11.92
N GLN A 376 -15.09 -18.75 12.32
CA GLN A 376 -14.71 -18.49 13.70
C GLN A 376 -15.15 -17.06 14.07
N VAL A 377 -14.83 -16.11 13.18
CA VAL A 377 -15.13 -14.70 13.42
C VAL A 377 -16.64 -14.50 13.72
N ALA A 378 -17.47 -15.04 12.83
CA ALA A 378 -18.91 -15.06 12.96
C ALA A 378 -19.43 -15.74 14.22
N LEU A 379 -18.85 -16.87 14.58
CA LEU A 379 -19.17 -17.51 15.85
C LEU A 379 -18.82 -16.65 17.07
N ASN A 380 -17.65 -16.00 17.00
CA ASN A 380 -17.14 -15.08 18.04
C ASN A 380 -18.14 -13.97 18.31
N GLY A 381 -18.62 -13.35 17.22
CA GLY A 381 -19.61 -12.28 17.30
C GLY A 381 -20.95 -12.76 17.81
N LEU A 382 -21.36 -13.95 17.41
CA LEU A 382 -22.64 -14.47 17.90
C LEU A 382 -22.49 -14.84 19.37
N GLU A 383 -21.30 -15.26 19.76
CA GLU A 383 -21.10 -15.57 21.14
C GLU A 383 -21.29 -14.30 21.97
N ASN A 384 -20.57 -13.26 21.56
CA ASN A 384 -20.60 -11.99 22.25
C ASN A 384 -22.04 -11.49 22.46
N ILE A 385 -22.87 -11.68 21.42
CA ILE A 385 -24.23 -11.22 21.46
C ILE A 385 -25.01 -12.08 22.45
N LEU A 386 -24.88 -13.40 22.36
CA LEU A 386 -25.52 -14.33 23.30
C LEU A 386 -25.12 -14.00 24.73
N ARG A 387 -23.85 -13.65 24.93
CA ARG A 387 -23.37 -13.32 26.25
C ARG A 387 -24.06 -12.11 26.85
N LEU A 388 -24.09 -10.98 26.13
CA LEU A 388 -24.89 -9.81 26.56
C LEU A 388 -26.36 -10.17 26.87
N GLY A 389 -26.97 -11.02 26.05
CA GLY A 389 -28.37 -11.37 26.20
C GLY A 389 -28.60 -12.22 27.45
N GLU A 390 -27.61 -13.04 27.78
CA GLU A 390 -27.62 -13.80 29.01
C GLU A 390 -27.50 -12.85 30.22
N GLN A 391 -26.61 -11.87 30.11
CA GLN A 391 -26.44 -10.80 31.11
C GLN A 391 -27.72 -9.98 31.35
N GLU A 392 -28.56 -9.89 30.31
CA GLU A 392 -29.83 -9.16 30.35
C GLU A 392 -30.98 -9.91 31.03
N ALA A 393 -31.04 -11.23 30.82
CA ALA A 393 -32.08 -12.09 31.41
C ALA A 393 -32.05 -12.09 32.96
N LYS A 394 -30.94 -11.62 33.54
CA LYS A 394 -30.86 -11.50 34.97
C LYS A 394 -31.06 -10.07 35.52
N ARG A 395 -30.61 -9.03 34.79
CA ARG A 395 -30.90 -7.60 35.15
C ARG A 395 -32.41 -7.31 35.19
N ASN A 396 -33.10 -7.70 34.11
CA ASN A 396 -34.55 -7.73 34.05
C ASN A 396 -35.03 -9.05 34.72
N GLY A 397 -36.35 -9.22 34.89
CA GLY A 397 -36.90 -10.44 35.52
C GLY A 397 -36.72 -11.77 34.77
N THR A 398 -37.27 -11.81 33.53
CA THR A 398 -37.26 -12.99 32.61
C THR A 398 -35.93 -13.72 32.48
N GLY A 399 -35.98 -15.05 32.56
CA GLY A 399 -34.80 -15.90 32.43
C GLY A 399 -34.52 -16.41 31.02
N ILE A 400 -35.22 -15.82 30.02
CA ILE A 400 -35.03 -16.14 28.58
C ILE A 400 -34.13 -15.15 27.84
N ASN A 401 -33.15 -15.71 27.13
CA ASN A 401 -32.23 -14.96 26.27
C ASN A 401 -32.94 -14.42 25.01
N PRO A 402 -33.03 -13.07 24.91
CA PRO A 402 -33.76 -12.47 23.77
C PRO A 402 -33.13 -12.87 22.43
N TYR A 403 -31.83 -13.18 22.44
CA TYR A 403 -31.09 -13.38 21.20
C TYR A 403 -31.08 -14.86 20.75
N CYS A 404 -31.55 -15.74 21.64
CA CYS A 404 -31.68 -17.14 21.30
C CYS A 404 -32.72 -17.30 20.20
N ALA A 405 -33.91 -16.75 20.44
CA ALA A 405 -35.02 -16.91 19.49
C ALA A 405 -34.70 -16.25 18.11
N LEU A 406 -34.07 -15.06 18.18
CA LEU A 406 -33.58 -14.30 17.06
C LEU A 406 -32.48 -15.02 16.25
N ILE A 407 -31.53 -15.66 16.92
CA ILE A 407 -30.53 -16.49 16.22
C ILE A 407 -31.14 -17.73 15.57
N GLU A 408 -32.13 -18.32 16.24
CA GLU A 408 -32.84 -19.45 15.69
C GLU A 408 -33.59 -19.02 14.43
N GLU A 409 -34.29 -17.90 14.54
CA GLU A 409 -35.13 -17.41 13.48
C GLU A 409 -34.33 -17.08 12.21
N ALA A 410 -33.06 -16.68 12.35
CA ALA A 410 -32.22 -16.51 11.18
C ALA A 410 -31.52 -17.80 10.64
N TYR A 411 -31.98 -18.96 11.11
CA TYR A 411 -31.51 -20.29 10.62
C TYR A 411 -30.10 -20.41 11.10
N GLY A 412 -29.80 -19.56 12.07
CA GLY A 412 -28.50 -19.58 12.73
C GLY A 412 -28.33 -20.79 13.61
N LEU A 413 -29.39 -21.12 14.34
CA LEU A 413 -29.43 -22.35 15.12
C LEU A 413 -29.08 -23.57 14.24
N ASP A 414 -29.71 -23.71 13.06
CA ASP A 414 -29.39 -24.87 12.19
C ASP A 414 -27.90 -24.90 11.86
N LYS A 415 -27.37 -23.75 11.40
CA LYS A 415 -25.99 -23.65 10.97
C LYS A 415 -25.02 -24.04 12.06
N ILE A 416 -25.34 -23.62 13.27
CA ILE A 416 -24.44 -23.92 14.39
C ILE A 416 -24.39 -25.43 14.72
N GLU A 417 -25.54 -26.12 14.68
CA GLU A 417 -25.58 -27.59 14.88
C GLU A 417 -24.82 -28.27 13.72
N PHE A 418 -25.16 -27.90 12.47
CA PHE A 418 -24.42 -28.38 11.29
C PHE A 418 -22.90 -28.25 11.51
N LEU A 419 -22.52 -27.19 12.23
CA LEU A 419 -21.12 -26.91 12.50
C LEU A 419 -20.46 -27.85 13.49
N GLN A 420 -21.26 -28.65 14.22
CA GLN A 420 -20.73 -29.68 15.16
C GLN A 420 -20.03 -30.82 14.45
N SER A 421 -20.33 -30.97 13.15
CA SER A 421 -19.78 -32.02 12.29
C SER A 421 -18.88 -31.37 11.26
N HIS A 422 -18.38 -30.20 11.60
CA HIS A 422 -17.45 -29.54 10.73
C HIS A 422 -16.17 -30.21 11.10
N GLU A 423 -15.22 -30.20 10.17
CA GLU A 423 -13.94 -30.90 10.38
C GLU A 423 -13.05 -30.19 11.41
N ASN A 424 -13.06 -28.86 11.41
CA ASN A 424 -12.18 -28.09 12.29
C ASN A 424 -12.57 -28.23 13.79
N GLN A 425 -11.53 -28.45 14.59
CA GLN A 425 -11.59 -28.77 16.02
C GLN A 425 -12.27 -27.65 16.86
N GLU A 426 -11.70 -26.44 16.74
CA GLU A 426 -12.20 -25.25 17.46
C GLU A 426 -13.64 -24.87 17.02
N ILE A 427 -13.90 -24.94 15.71
CA ILE A 427 -15.27 -24.77 15.21
C ILE A 427 -16.24 -25.72 15.88
N TYR A 428 -16.01 -27.04 15.81
CA TYR A 428 -16.99 -28.02 16.36
C TYR A 428 -17.16 -27.81 17.90
N GLN A 429 -16.02 -27.49 18.55
CA GLN A 429 -16.00 -27.25 19.99
C GLN A 429 -16.86 -26.06 20.34
N LYS A 430 -16.61 -24.96 19.65
CA LYS A 430 -17.35 -23.71 19.89
C LYS A 430 -18.85 -23.97 19.71
N ALA A 431 -19.20 -24.51 18.56
CA ALA A 431 -20.56 -24.84 18.29
C ALA A 431 -21.10 -25.71 19.41
N PHE A 432 -20.32 -26.67 19.88
CA PHE A 432 -20.84 -27.53 20.94
C PHE A 432 -21.10 -26.75 22.27
N ASP A 433 -20.11 -25.97 22.74
CA ASP A 433 -20.22 -25.18 23.99
C ASP A 433 -21.37 -24.19 23.96
N LEU A 434 -21.59 -23.58 22.78
CA LEU A 434 -22.69 -22.62 22.58
C LEU A 434 -24.09 -23.22 22.62
N ILE A 435 -24.27 -24.34 21.93
CA ILE A 435 -25.51 -25.08 22.02
C ILE A 435 -25.80 -25.37 23.47
N GLU A 436 -24.76 -25.84 24.18
CA GLU A 436 -24.88 -26.28 25.56
C GLU A 436 -25.10 -25.11 26.51
N HIS A 437 -24.40 -24.02 26.28
CA HIS A 437 -24.51 -22.84 27.12
C HIS A 437 -25.78 -22.03 26.88
N TYR A 438 -26.31 -21.98 25.65
CA TYR A 438 -27.41 -21.04 25.39
C TYR A 438 -28.67 -21.64 24.78
N PHE A 439 -28.61 -22.89 24.35
CA PHE A 439 -29.80 -23.49 23.74
C PHE A 439 -30.31 -24.71 24.53
N GLY A 440 -31.23 -24.41 25.47
CA GLY A 440 -32.07 -25.37 26.21
C GLY A 440 -31.36 -26.43 27.00
N ARG B 1 -4.78 -6.02 15.10
CA ARG B 1 -4.81 -6.80 13.83
C ARG B 1 -4.15 -6.00 12.67
N ARG B 2 -3.50 -6.70 11.71
CA ARG B 2 -2.84 -6.09 10.52
C ARG B 2 -3.07 -6.97 9.28
N ARG B 3 -2.77 -6.45 8.09
CA ARG B 3 -2.60 -7.32 6.91
C ARG B 3 -1.20 -7.07 6.30
N SER B 8 -5.59 -9.50 -0.37
CA SER B 8 -4.94 -8.82 -1.51
C SER B 8 -3.71 -7.98 -1.13
N ARG B 9 -3.98 -6.69 -0.86
CA ARG B 9 -3.00 -5.61 -0.63
C ARG B 9 -1.69 -5.65 -1.44
N SER B 10 -1.83 -5.35 -2.73
CA SER B 10 -0.67 -5.18 -3.61
C SER B 10 -0.49 -3.78 -4.13
N LEU B 11 0.64 -3.62 -4.79
CA LEU B 11 1.29 -2.37 -4.96
C LEU B 11 1.45 -2.14 -6.44
N PRO B 12 1.84 -0.94 -6.79
CA PRO B 12 2.29 -0.62 -8.14
C PRO B 12 3.55 -1.44 -8.54
N LEU B 13 3.64 -1.81 -9.82
CA LEU B 13 4.90 -2.33 -10.35
C LEU B 13 6.02 -1.33 -10.03
N PRO B 14 7.09 -1.76 -9.33
CA PRO B 14 8.16 -0.84 -8.89
C PRO B 14 9.03 -0.23 -10.01
N LYS B 15 9.18 -0.84 -11.17
CA LYS B 15 10.05 -0.24 -12.22
C LYS B 15 9.25 0.40 -13.31
N ARG B 16 9.85 1.35 -14.02
CA ARG B 16 9.19 2.08 -15.07
C ARG B 16 10.21 2.40 -16.11
N PRO B 17 9.99 1.95 -17.34
CA PRO B 17 10.86 2.34 -18.44
C PRO B 17 10.48 3.68 -19.06
N ARG B 18 11.45 4.44 -19.50
CA ARG B 18 11.11 5.61 -20.26
C ARG B 18 10.84 5.23 -21.71
N ARG B 19 9.60 5.44 -22.16
CA ARG B 19 9.21 5.10 -23.52
C ARG B 19 9.19 6.35 -24.40
N ALA B 20 9.32 6.13 -25.71
CA ALA B 20 9.05 7.14 -26.76
C ALA B 20 10.14 8.18 -26.85
#